data_5NP5
#
_entry.id   5NP5
#
_cell.length_a   22.510
_cell.length_b   45.910
_cell.length_c   45.770
_cell.angle_alpha   90.00
_cell.angle_beta   89.74
_cell.angle_gamma   90.00
#
_symmetry.space_group_name_H-M   'P 1 21 1'
#
loop_
_entity.id
_entity.type
_entity.pdbx_description
1 polymer 'Abelson tyrosine-protein kinase 2'
2 non-polymer 'SULFATE ION'
3 water water
#
_entity_poly.entity_id   1
_entity_poly.type   'polypeptide(L)'
_entity_poly.pdbx_seq_one_letter_code
;GSHMNLFVAL(PTR)DFVASGDNTLSITKGEKLRVLGYNQNGEWSEVRSKNGQGWVPSN(PTR)ITPVN
;
_entity_poly.pdbx_strand_id   A,B
#
loop_
_chem_comp.id
_chem_comp.type
_chem_comp.name
_chem_comp.formula
SO4 non-polymer 'SULFATE ION' 'O4 S -2'
#
# COMPACT_ATOMS: atom_id res chain seq x y z
N GLY A 1 -16.58 8.01 -8.41
CA GLY A 1 -15.47 8.54 -9.20
C GLY A 1 -15.49 8.03 -10.62
N SER A 2 -14.29 7.82 -11.16
CA SER A 2 -14.16 7.44 -12.55
C SER A 2 -13.21 6.26 -12.73
N HIS A 3 -12.12 6.19 -11.94
CA HIS A 3 -11.17 5.17 -12.27
C HIS A 3 -11.15 4.02 -11.31
N MET A 4 -10.85 2.85 -11.81
CA MET A 4 -11.02 1.61 -11.05
C MET A 4 -9.82 1.16 -10.23
N ASN A 5 -8.71 1.87 -10.30
CA ASN A 5 -7.47 1.44 -9.69
C ASN A 5 -7.68 1.15 -8.24
N LEU A 6 -7.09 0.07 -7.80
CA LEU A 6 -6.93 -0.10 -6.35
C LEU A 6 -5.76 0.75 -5.84
N PHE A 7 -6.03 1.45 -4.73
CA PHE A 7 -4.98 2.14 -4.02
C PHE A 7 -4.88 1.51 -2.62
N VAL A 8 -3.74 1.76 -1.98
N VAL A 8 -3.75 1.73 -1.96
CA VAL A 8 -3.51 1.32 -0.62
CA VAL A 8 -3.60 1.33 -0.57
C VAL A 8 -2.96 2.49 0.22
C VAL A 8 -2.92 2.43 0.24
N ALA A 9 -3.32 2.54 1.50
CA ALA A 9 -2.70 3.46 2.43
C ALA A 9 -1.29 3.07 2.76
N LEU A 10 -0.35 3.99 2.63
CA LEU A 10 1.06 3.78 2.99
C LEU A 10 1.36 4.04 4.42
N PTR A 11 0.65 4.98 5.02
CA PTR A 11 0.82 5.33 6.39
C PTR A 11 -0.53 5.55 7.05
O PTR A 11 -1.53 5.82 6.37
CB PTR A 11 1.58 6.69 6.49
CG PTR A 11 2.72 6.82 5.51
CD1 PTR A 11 2.67 7.75 4.47
CD2 PTR A 11 3.80 5.95 5.56
CE1 PTR A 11 3.68 7.85 3.54
CE2 PTR A 11 4.82 6.05 4.62
CZ PTR A 11 4.76 7.01 3.62
OH PTR A 11 5.70 7.06 2.72
P PTR A 11 7.15 7.66 3.03
O1P PTR A 11 6.84 9.16 3.31
O2P PTR A 11 8.05 7.50 1.78
O3P PTR A 11 7.75 6.96 4.22
HA PTR A 11 1.32 4.65 6.87
HB2 PTR A 11 1.94 6.78 7.38
HB3 PTR A 11 0.95 7.41 6.30
HD1 PTR A 11 1.94 8.32 4.41
HD2 PTR A 11 3.85 5.32 6.23
HE1 PTR A 11 3.64 8.49 2.85
HE2 PTR A 11 5.55 5.48 4.67
N ASP A 12 -0.53 5.54 8.37
CA ASP A 12 -1.69 5.92 9.10
C ASP A 12 -1.92 7.42 8.90
N PHE A 13 -3.16 7.78 8.70
CA PHE A 13 -3.56 9.19 8.67
C PHE A 13 -4.85 9.37 9.52
N VAL A 14 -4.82 10.31 10.45
CA VAL A 14 -5.98 10.51 11.31
C VAL A 14 -6.63 11.79 10.86
N ALA A 15 -7.93 11.71 10.65
CA ALA A 15 -8.73 12.83 10.21
C ALA A 15 -8.75 13.95 11.26
N SER A 16 -9.15 15.13 10.83
CA SER A 16 -9.23 16.29 11.70
C SER A 16 -10.44 17.12 11.37
N GLY A 17 -11.38 16.52 10.67
CA GLY A 17 -12.65 17.10 10.33
C GLY A 17 -13.49 15.99 9.69
N ASP A 18 -14.75 16.35 9.53
CA ASP A 18 -15.75 15.38 9.20
C ASP A 18 -15.64 15.10 7.67
N ASN A 19 -14.89 15.93 6.94
CA ASN A 19 -14.62 15.71 5.52
C ASN A 19 -13.34 14.92 5.22
N THR A 20 -12.44 14.79 6.19
CA THR A 20 -11.27 13.98 6.08
C THR A 20 -11.56 12.57 6.63
N LEU A 21 -10.84 11.61 6.08
CA LEU A 21 -11.04 10.19 6.42
C LEU A 21 -9.82 9.54 7.08
N SER A 22 -10.02 8.97 8.27
CA SER A 22 -8.89 8.26 8.89
C SER A 22 -8.65 6.98 8.13
N ILE A 23 -7.38 6.68 7.83
CA ILE A 23 -6.97 5.44 7.15
C ILE A 23 -5.80 4.88 7.92
N THR A 24 -5.61 3.57 7.75
CA THR A 24 -4.49 2.87 8.41
C THR A 24 -3.69 2.15 7.32
N LYS A 25 -2.39 1.98 7.59
CA LYS A 25 -1.48 1.33 6.70
C LYS A 25 -2.07 0.06 6.17
N GLY A 26 -2.00 -0.10 4.86
CA GLY A 26 -2.40 -1.32 4.17
C GLY A 26 -3.87 -1.37 3.80
N GLU A 27 -4.64 -0.35 4.17
N GLU A 27 -4.64 -0.36 4.20
CA GLU A 27 -6.06 -0.34 3.92
CA GLU A 27 -6.07 -0.29 3.88
C GLU A 27 -6.31 -0.11 2.42
C GLU A 27 -6.30 -0.13 2.38
N LYS A 28 -7.23 -0.91 1.84
CA LYS A 28 -7.63 -0.77 0.45
C LYS A 28 -8.50 0.48 0.26
N LEU A 29 -8.23 1.16 -0.85
CA LEU A 29 -8.94 2.40 -1.17
C LEU A 29 -9.35 2.45 -2.65
N ARG A 30 -10.39 3.21 -2.95
CA ARG A 30 -10.62 3.67 -4.27
C ARG A 30 -10.50 5.19 -4.30
N VAL A 31 -9.83 5.74 -5.31
CA VAL A 31 -9.73 7.18 -5.46
C VAL A 31 -10.87 7.66 -6.32
N LEU A 32 -11.71 8.54 -5.75
CA LEU A 32 -12.81 9.16 -6.47
C LEU A 32 -12.33 10.30 -7.34
N GLY A 33 -11.37 11.05 -6.86
CA GLY A 33 -10.88 12.24 -7.56
C GLY A 33 -9.93 13.00 -6.68
N TYR A 34 -9.60 14.22 -7.10
CA TYR A 34 -8.53 15.00 -6.50
C TYR A 34 -9.03 16.37 -6.14
N ASN A 35 -8.27 17.06 -5.33
CA ASN A 35 -8.53 18.46 -5.08
C ASN A 35 -7.90 19.35 -6.15
N GLN A 36 -7.83 20.65 -5.89
CA GLN A 36 -7.51 21.61 -6.97
C GLN A 36 -6.05 21.57 -7.39
N ASN A 37 -5.17 20.96 -6.59
CA ASN A 37 -3.74 20.81 -7.02
C ASN A 37 -3.22 19.39 -6.94
N GLY A 38 -4.11 18.44 -6.73
CA GLY A 38 -3.71 17.04 -6.74
C GLY A 38 -3.15 16.54 -5.42
N GLU A 39 -2.96 17.42 -4.43
N GLU A 39 -2.96 17.42 -4.44
CA GLU A 39 -2.26 17.00 -3.21
CA GLU A 39 -2.26 17.06 -3.21
C GLU A 39 -3.16 16.35 -2.20
C GLU A 39 -3.17 16.34 -2.22
N TRP A 40 -4.47 16.48 -2.40
CA TRP A 40 -5.43 15.72 -1.60
C TRP A 40 -6.23 14.83 -2.57
N SER A 41 -6.57 13.64 -2.09
CA SER A 41 -7.32 12.65 -2.82
C SER A 41 -8.61 12.39 -2.06
N GLU A 42 -9.71 12.37 -2.77
CA GLU A 42 -10.98 11.94 -2.20
C GLU A 42 -11.13 10.48 -2.44
N VAL A 43 -11.23 9.71 -1.36
CA VAL A 43 -11.19 8.27 -1.44
C VAL A 43 -12.36 7.61 -0.74
N ARG A 44 -12.61 6.35 -1.09
N ARG A 44 -12.59 6.33 -1.02
CA ARG A 44 -13.51 5.48 -0.35
CA ARG A 44 -13.60 5.54 -0.30
C ARG A 44 -12.75 4.30 0.22
C ARG A 44 -12.98 4.24 0.20
N SER A 45 -12.96 4.07 1.51
CA SER A 45 -12.53 2.81 2.14
C SER A 45 -13.78 2.12 2.59
N LYS A 46 -13.58 0.94 3.17
CA LYS A 46 -14.68 0.28 3.81
C LYS A 46 -15.37 1.19 4.89
N ASN A 47 -14.61 2.11 5.49
CA ASN A 47 -15.20 2.90 6.55
C ASN A 47 -15.90 4.17 6.12
N GLY A 48 -15.81 4.52 4.83
CA GLY A 48 -16.53 5.67 4.29
C GLY A 48 -15.75 6.41 3.27
N GLN A 49 -16.20 7.64 3.01
CA GLN A 49 -15.68 8.48 1.96
C GLN A 49 -15.17 9.76 2.57
N GLY A 50 -14.03 10.23 2.09
CA GLY A 50 -13.51 11.52 2.49
C GLY A 50 -12.11 11.76 1.98
N TRP A 51 -11.43 12.78 2.47
CA TRP A 51 -10.21 13.29 1.87
C TRP A 51 -9.04 12.80 2.69
N VAL A 52 -7.95 12.52 2.00
CA VAL A 52 -6.69 12.06 2.61
C VAL A 52 -5.56 12.68 1.81
N PRO A 53 -4.39 12.89 2.37
CA PRO A 53 -3.29 13.49 1.60
C PRO A 53 -2.87 12.52 0.51
N SER A 54 -2.58 12.99 -0.69
CA SER A 54 -2.24 12.12 -1.78
C SER A 54 -0.92 11.36 -1.53
N ASN A 55 0.02 11.94 -0.83
CA ASN A 55 1.29 11.33 -0.61
C ASN A 55 1.21 10.21 0.47
N PTR A 56 0.04 9.98 1.05
CA PTR A 56 -0.16 8.92 2.05
C PTR A 56 -0.72 7.63 1.41
O PTR A 56 -0.92 6.64 2.12
CB PTR A 56 -1.08 9.35 3.20
CG PTR A 56 -0.46 10.20 4.30
CD1 PTR A 56 0.19 11.38 4.02
CD2 PTR A 56 -0.57 9.83 5.65
CE1 PTR A 56 0.75 12.16 5.03
CE2 PTR A 56 -0.02 10.62 6.65
CZ PTR A 56 0.64 11.78 6.35
OH PTR A 56 1.19 12.51 7.30
P PTR A 56 0.39 13.39 8.36
O1P PTR A 56 -0.48 14.43 7.62
O2P PTR A 56 1.43 14.04 9.20
O3P PTR A 56 -0.50 12.48 9.23
HA PTR A 56 0.71 8.69 2.44
HB2 PTR A 56 -1.42 8.55 3.62
HB3 PTR A 56 -1.81 9.86 2.82
HD1 PTR A 56 0.28 11.65 3.14
HD2 PTR A 56 -1.02 9.04 5.88
HE1 PTR A 56 1.20 12.95 4.82
HE2 PTR A 56 -0.10 10.34 7.54
N ILE A 57 -0.93 7.63 0.10
CA ILE A 57 -1.53 6.49 -0.58
C ILE A 57 -0.78 6.23 -1.88
N THR A 58 -0.99 5.03 -2.48
N THR A 58 -0.98 5.04 -2.45
CA THR A 58 -0.30 4.74 -3.72
CA THR A 58 -0.33 4.69 -3.70
C THR A 58 -1.14 3.74 -4.50
C THR A 58 -1.17 3.71 -4.50
N PRO A 59 -1.06 3.77 -5.84
CA PRO A 59 -1.74 2.75 -6.62
C PRO A 59 -1.07 1.41 -6.45
N VAL A 60 -1.88 0.38 -6.55
CA VAL A 60 -1.45 -1.01 -6.55
C VAL A 60 -1.49 -1.51 -7.98
N ASN A 61 -0.56 -2.37 -8.36
CA ASN A 61 -0.58 -2.94 -9.70
C ASN A 61 -1.57 -4.12 -9.89
N ASN B 5 -3.41 -13.63 3.53
CA ASN B 5 -2.60 -14.20 2.46
C ASN B 5 -2.41 -13.20 1.33
N LEU B 6 -2.18 -11.93 1.68
CA LEU B 6 -1.96 -10.89 0.66
C LEU B 6 -1.35 -9.60 1.22
N PHE B 7 -0.26 -9.19 0.60
CA PHE B 7 0.48 -8.05 1.08
C PHE B 7 0.76 -7.08 -0.07
N VAL B 8 1.22 -5.91 0.32
N VAL B 8 1.23 -5.91 0.31
CA VAL B 8 1.73 -4.96 -0.60
CA VAL B 8 1.67 -4.93 -0.65
C VAL B 8 3.00 -4.38 -0.07
C VAL B 8 2.90 -4.24 -0.10
N ALA B 9 3.84 -3.92 -0.99
CA ALA B 9 5.03 -3.28 -0.58
C ALA B 9 4.72 -1.85 -0.21
N LEU B 10 5.30 -1.44 0.91
CA LEU B 10 5.17 -0.06 1.44
C LEU B 10 6.30 0.84 1.00
N PTR B 11 7.44 0.26 0.74
CA PTR B 11 8.63 0.99 0.32
C PTR B 11 9.29 0.21 -0.79
O PTR B 11 9.14 -1.02 -0.89
CB PTR B 11 9.60 1.16 1.50
CG PTR B 11 8.93 1.72 2.73
CD1 PTR B 11 8.52 0.88 3.75
CD2 PTR B 11 8.70 3.08 2.87
CE1 PTR B 11 7.89 1.36 4.87
CE2 PTR B 11 8.07 3.59 4.00
CZ PTR B 11 7.66 2.72 5.00
OH PTR B 11 7.07 3.17 6.08
P PTR B 11 7.97 3.70 7.29
O1P PTR B 11 7.81 5.17 7.36
O2P PTR B 11 7.52 3.05 8.61
O3P PTR B 11 9.44 3.33 7.04
HA PTR B 11 8.37 1.87 -0.02
HB2 PTR B 11 10.30 1.78 1.24
HB3 PTR B 11 9.98 0.30 1.73
HD1 PTR B 11 8.67 -0.04 3.67
HD2 PTR B 11 8.96 3.67 2.20
HE1 PTR B 11 7.62 0.78 5.55
HE2 PTR B 11 7.90 4.50 4.08
N ASP B 12 10.04 0.90 -1.63
CA ASP B 12 10.88 0.26 -2.61
C ASP B 12 12.00 -0.48 -1.87
N PHE B 13 12.14 -1.78 -2.14
CA PHE B 13 13.27 -2.56 -1.65
C PHE B 13 14.17 -2.86 -2.82
N VAL B 14 15.40 -2.35 -2.72
CA VAL B 14 16.43 -2.55 -3.71
C VAL B 14 17.28 -3.76 -3.34
N ALA B 15 17.10 -4.83 -4.10
CA ALA B 15 17.77 -6.10 -3.84
C ALA B 15 19.03 -6.30 -4.68
N SER B 16 19.90 -7.16 -4.17
CA SER B 16 21.17 -7.48 -4.84
C SER B 16 21.57 -8.91 -4.49
N GLY B 17 22.15 -9.66 -5.43
CA GLY B 17 22.67 -10.98 -5.11
C GLY B 17 21.61 -12.06 -5.00
N ASP B 18 21.91 -13.07 -4.19
CA ASP B 18 21.10 -14.29 -4.12
C ASP B 18 19.84 -14.16 -3.26
N ASN B 19 18.76 -14.75 -3.74
CA ASN B 19 17.59 -15.04 -2.93
C ASN B 19 16.69 -13.83 -2.58
N THR B 20 17.20 -12.62 -2.76
CA THR B 20 16.37 -11.44 -2.46
C THR B 20 15.62 -10.94 -3.70
N LEU B 21 14.41 -10.44 -3.50
CA LEU B 21 13.58 -9.90 -4.59
C LEU B 21 13.42 -8.36 -4.52
N SER B 22 13.74 -7.64 -5.59
CA SER B 22 13.47 -6.20 -5.65
C SER B 22 11.93 -5.95 -5.74
N ILE B 23 11.39 -5.03 -4.93
CA ILE B 23 9.96 -4.69 -4.97
C ILE B 23 9.81 -3.20 -4.93
N THR B 24 8.70 -2.75 -5.50
CA THR B 24 8.34 -1.34 -5.54
C THR B 24 7.09 -1.06 -4.78
N LYS B 25 7.07 0.11 -4.18
CA LYS B 25 5.92 0.61 -3.49
C LYS B 25 4.59 0.33 -4.22
N GLY B 26 3.63 -0.30 -3.56
CA GLY B 26 2.36 -0.66 -4.15
C GLY B 26 2.25 -2.02 -4.82
N GLU B 27 3.37 -2.70 -4.98
CA GLU B 27 3.36 -3.99 -5.67
C GLU B 27 2.65 -5.05 -4.86
N LYS B 28 1.80 -5.84 -5.53
CA LYS B 28 1.14 -7.01 -4.99
C LYS B 28 2.10 -8.14 -4.78
N LEU B 29 2.01 -8.81 -3.60
CA LEU B 29 2.90 -9.90 -3.19
C LEU B 29 2.11 -11.02 -2.49
N ARG B 30 2.54 -12.27 -2.69
CA ARG B 30 2.09 -13.39 -1.89
C ARG B 30 3.25 -13.75 -0.97
N VAL B 31 2.97 -13.72 0.34
CA VAL B 31 3.93 -14.20 1.36
C VAL B 31 3.95 -15.73 1.46
N LEU B 32 5.07 -16.33 1.11
CA LEU B 32 5.22 -17.78 1.19
C LEU B 32 5.67 -18.24 2.60
N GLY B 33 6.25 -17.35 3.41
CA GLY B 33 6.69 -17.72 4.75
C GLY B 33 7.67 -16.69 5.29
N TYR B 34 8.19 -16.94 6.48
CA TYR B 34 9.20 -16.09 7.05
C TYR B 34 10.54 -16.82 7.19
N ASN B 35 11.56 -16.04 7.47
CA ASN B 35 12.82 -16.64 7.92
C ASN B 35 12.72 -17.04 9.41
N GLN B 36 13.85 -17.31 10.04
CA GLN B 36 13.85 -17.88 11.35
C GLN B 36 13.40 -16.94 12.46
N ASN B 37 13.48 -15.63 12.25
CA ASN B 37 13.11 -14.69 13.30
C ASN B 37 12.10 -13.72 12.84
N GLY B 38 11.44 -13.96 11.71
CA GLY B 38 10.44 -13.01 11.25
C GLY B 38 10.91 -11.71 10.62
N GLU B 39 12.21 -11.43 10.62
CA GLU B 39 12.72 -10.19 10.03
C GLU B 39 12.68 -10.18 8.47
N TRP B 40 12.69 -11.36 7.84
CA TRP B 40 12.55 -11.46 6.37
C TRP B 40 11.36 -12.29 5.95
N SER B 41 10.76 -11.91 4.82
CA SER B 41 9.67 -12.67 4.22
C SER B 41 10.03 -13.11 2.77
N GLU B 42 9.72 -14.36 2.41
CA GLU B 42 9.94 -14.88 1.04
C GLU B 42 8.58 -14.61 0.42
N VAL B 43 8.61 -13.83 -0.64
CA VAL B 43 7.38 -13.48 -1.31
C VAL B 43 7.45 -13.82 -2.80
N ARG B 44 6.28 -13.83 -3.43
CA ARG B 44 6.21 -13.95 -4.89
C ARG B 44 5.49 -12.73 -5.47
N SER B 45 6.11 -12.08 -6.45
CA SER B 45 5.50 -10.96 -7.15
C SER B 45 5.24 -11.32 -8.61
N LYS B 46 4.75 -10.36 -9.39
CA LYS B 46 4.53 -10.60 -10.79
C LYS B 46 5.88 -10.81 -11.47
N ASN B 47 6.93 -10.31 -10.82
CA ASN B 47 8.28 -10.29 -11.40
C ASN B 47 9.16 -11.48 -11.11
N GLY B 48 8.89 -12.15 -10.01
CA GLY B 48 9.74 -13.23 -9.54
C GLY B 48 9.44 -13.60 -8.10
N GLN B 49 10.40 -14.29 -7.46
CA GLN B 49 10.20 -14.84 -6.11
C GLN B 49 11.49 -14.73 -5.29
N GLY B 50 11.43 -14.20 -4.08
CA GLY B 50 12.65 -13.99 -3.32
C GLY B 50 12.39 -13.37 -1.98
N TRP B 51 13.44 -13.02 -1.26
CA TRP B 51 13.37 -12.50 0.10
C TRP B 51 13.31 -10.99 0.12
N VAL B 52 12.44 -10.47 0.99
CA VAL B 52 12.40 -9.04 1.28
C VAL B 52 12.29 -8.81 2.77
N PRO B 53 12.65 -7.62 3.28
CA PRO B 53 12.50 -7.38 4.71
C PRO B 53 11.01 -7.28 5.05
N SER B 54 10.64 -7.92 6.15
CA SER B 54 9.24 -7.99 6.55
C SER B 54 8.65 -6.62 6.83
N ASN B 55 9.47 -5.68 7.28
CA ASN B 55 8.98 -4.33 7.60
C ASN B 55 8.82 -3.42 6.37
N PTR B 56 9.20 -3.91 5.19
CA PTR B 56 8.95 -3.21 3.94
C PTR B 56 7.57 -3.57 3.34
O PTR B 56 7.16 -3.04 2.27
CB PTR B 56 10.02 -3.50 2.90
CG PTR B 56 11.31 -2.74 3.02
CD1 PTR B 56 12.04 -2.67 4.20
CD2 PTR B 56 11.80 -2.06 1.91
CE1 PTR B 56 13.23 -1.97 4.27
CE2 PTR B 56 13.00 -1.37 1.97
CZ PTR B 56 13.71 -1.30 3.16
OH PTR B 56 14.84 -0.65 3.13
P PTR B 56 15.54 0.08 4.39
O1P PTR B 56 14.49 0.64 5.28
O2P PTR B 56 16.41 -0.95 5.14
O3P PTR B 56 16.44 1.18 3.78
HA PTR B 56 8.96 -2.24 4.11
HB2 PTR B 56 9.66 -3.32 2.02
HB3 PTR B 56 10.25 -4.45 2.96
HD1 PTR B 56 11.72 -3.12 4.95
HD2 PTR B 56 11.34 -2.10 1.11
HE1 PTR B 56 13.72 -1.95 5.07
HE2 PTR B 56 13.32 -0.93 1.21
N ILE B 57 6.86 -4.48 4.00
CA ILE B 57 5.59 -4.96 3.47
C ILE B 57 4.55 -4.96 4.57
N THR B 58 3.27 -4.93 4.17
CA THR B 58 2.18 -4.98 5.11
C THR B 58 1.00 -5.67 4.41
N PRO B 59 0.22 -6.42 5.17
CA PRO B 59 -0.89 -7.09 4.53
C PRO B 59 -1.95 -6.05 4.17
N VAL B 60 -2.78 -6.42 3.21
CA VAL B 60 -3.81 -5.52 2.76
C VAL B 60 -5.06 -5.85 3.56
N ASN B 61 -5.82 -4.83 3.87
CA ASN B 61 -7.08 -5.02 4.59
C ASN B 61 -8.06 -3.87 4.30
S SO4 C . -21.18 5.44 2.88
O1 SO4 C . -20.98 5.97 1.50
O2 SO4 C . -22.32 6.13 3.49
O3 SO4 C . -19.93 5.69 3.60
O4 SO4 C . -21.41 3.98 2.76
#